data_2E90
#
_entry.id   2E90
#
_cell.length_a   45.773
_cell.length_b   115.938
_cell.length_c   126.745
_cell.angle_alpha   90.00
_cell.angle_beta   90.00
_cell.angle_gamma   90.00
#
_symmetry.space_group_name_H-M   'P 21 21 21'
#
loop_
_entity.id
_entity.type
_entity.pdbx_description
1 polymer 'Geranylgeranyl pyrophosphate synthetase'
2 non-polymer 'MAGNESIUM ION'
3 non-polymer PYROPHOSPHATE
4 non-polymer 'FARNESYL DIPHOSPHATE'
5 water water
#
_entity_poly.entity_id   1
_entity_poly.type   'polypeptide(L)'
_entity_poly.pdbx_seq_one_letter_code
;MTKNKMEAKIDELINNDPVWSSQNESLISKPYNHILLKPGKNFRLNLIVQINRVMNLPKDQLAIVSQIVELLHNSSLLID
DIEDNAPLRRGQTTSHLIFGVPSTINTANYMYFRAMQLVSQLTTKEPLYHNLITIFNEELINLHRGQGLDIYWRDFLPEI
IPTQEMYLNMVMNKTGGLFRLTLRLMEALSPSSHHGHSLVPFINLLGIIYQIRDDYLNLKDFQMSSEKGFAEDITEGKLS
FPIVHALNFTKTKGQTEQHNEILRILLLRTSDKDIKLKLIQILEFDTNSLAYTKNFINQLVNMIKNDNENKYLPDLASHS
DTATNLHDELLYIIDHLSEL
;
_entity_poly.pdbx_strand_id   A,B
#
# COMPACT_ATOMS: atom_id res chain seq x y z
N ASN A 4 -9.08 32.77 22.78
CA ASN A 4 -8.01 32.17 23.62
C ASN A 4 -8.29 30.75 24.11
N LYS A 5 -9.55 30.37 24.29
CA LYS A 5 -9.81 29.02 24.76
C LYS A 5 -9.57 28.05 23.61
N MET A 6 -9.76 28.55 22.39
CA MET A 6 -9.54 27.75 21.21
C MET A 6 -8.03 27.59 21.09
N GLU A 7 -7.33 28.71 21.03
CA GLU A 7 -5.89 28.73 20.92
C GLU A 7 -5.19 27.93 22.03
N ALA A 8 -5.89 27.73 23.14
CA ALA A 8 -5.32 26.97 24.24
C ALA A 8 -5.53 25.51 23.93
N LYS A 9 -6.77 25.15 23.58
CA LYS A 9 -7.08 23.76 23.25
C LYS A 9 -6.17 23.37 22.09
N ILE A 10 -5.95 24.30 21.16
CA ILE A 10 -5.07 24.01 20.02
C ILE A 10 -3.62 23.84 20.48
N ASP A 11 -3.18 24.67 21.41
CA ASP A 11 -1.81 24.57 21.86
C ASP A 11 -1.60 23.23 22.55
N GLU A 12 -2.65 22.65 23.10
CA GLU A 12 -2.42 21.36 23.75
C GLU A 12 -2.32 20.26 22.68
N LEU A 13 -3.07 20.43 21.62
CA LEU A 13 -3.11 19.49 20.52
C LEU A 13 -1.76 19.33 19.82
N ILE A 14 -1.23 20.46 19.34
CA ILE A 14 0.03 20.51 18.62
C ILE A 14 1.28 20.24 19.48
N ASN A 15 1.14 20.39 20.79
CA ASN A 15 2.26 20.13 21.67
C ASN A 15 2.21 18.72 22.25
N ASN A 16 1.48 17.84 21.59
CA ASN A 16 1.35 16.44 22.02
C ASN A 16 1.35 15.43 20.89
N ASP A 17 1.51 14.16 21.24
CA ASP A 17 1.48 13.11 20.23
C ASP A 17 0.08 13.04 19.65
N PRO A 18 -0.04 12.58 18.40
CA PRO A 18 -1.41 12.53 17.88
C PRO A 18 -2.23 11.51 18.68
N VAL A 19 -3.42 11.90 19.10
CA VAL A 19 -4.29 11.01 19.86
C VAL A 19 -4.88 9.89 18.99
N TRP A 20 -4.93 8.69 19.56
CA TRP A 20 -5.45 7.50 18.89
C TRP A 20 -5.95 6.48 19.93
N SER A 21 -7.25 6.22 19.92
CA SER A 21 -7.85 5.26 20.87
C SER A 21 -7.87 3.84 20.31
N SER A 22 -8.19 2.86 21.16
CA SER A 22 -8.28 1.46 20.72
C SER A 22 -9.64 1.26 20.05
N GLN A 23 -10.54 2.22 20.27
CA GLN A 23 -11.83 2.19 19.63
C GLN A 23 -11.48 2.33 18.16
N ASN A 24 -10.64 3.33 17.88
CA ASN A 24 -10.20 3.63 16.53
C ASN A 24 -9.40 2.52 15.92
N GLU A 25 -8.55 1.90 16.73
CA GLU A 25 -7.73 0.82 16.24
C GLU A 25 -8.67 -0.23 15.70
N SER A 26 -9.70 -0.52 16.48
CA SER A 26 -10.72 -1.50 16.12
C SER A 26 -11.41 -1.21 14.82
N LEU A 27 -11.89 0.03 14.67
CA LEU A 27 -12.60 0.44 13.48
C LEU A 27 -11.79 0.28 12.18
N ILE A 28 -10.50 0.58 12.19
CA ILE A 28 -9.74 0.42 10.96
C ILE A 28 -9.11 -0.98 10.76
N SER A 29 -9.22 -1.84 11.76
CA SER A 29 -8.66 -3.18 11.64
C SER A 29 -9.71 -4.14 11.09
N LYS A 30 -10.92 -3.64 10.85
CA LYS A 30 -12.01 -4.48 10.34
C LYS A 30 -11.64 -5.33 9.14
N PRO A 31 -11.07 -4.72 8.08
CA PRO A 31 -10.72 -5.54 6.92
C PRO A 31 -9.75 -6.64 7.32
N TYR A 32 -8.75 -6.30 8.14
CA TYR A 32 -7.76 -7.27 8.57
C TYR A 32 -8.36 -8.39 9.43
N ASN A 33 -9.15 -8.01 10.45
CA ASN A 33 -9.75 -9.01 11.33
C ASN A 33 -10.60 -10.00 10.56
N HIS A 34 -11.29 -9.49 9.56
CA HIS A 34 -12.13 -10.34 8.75
C HIS A 34 -11.35 -11.46 8.07
N ILE A 35 -10.18 -11.16 7.53
CA ILE A 35 -9.42 -12.21 6.88
C ILE A 35 -8.83 -13.18 7.89
N LEU A 36 -8.70 -12.75 9.15
CA LEU A 36 -8.19 -13.64 10.19
C LEU A 36 -9.12 -14.85 10.37
N LEU A 37 -10.43 -14.62 10.32
CA LEU A 37 -11.38 -15.71 10.47
C LEU A 37 -11.01 -16.92 9.57
N ARG A 44 1.28 -22.11 6.78
CA ARG A 44 2.60 -21.57 7.20
C ARG A 44 3.10 -22.19 8.51
N LEU A 45 3.49 -21.34 9.46
CA LEU A 45 4.01 -21.73 10.80
C LEU A 45 4.71 -23.09 10.84
N ASN A 46 3.98 -24.14 10.51
CA ASN A 46 4.50 -25.51 10.47
C ASN A 46 5.86 -25.47 9.76
N LEU A 47 5.94 -24.66 8.71
CA LEU A 47 7.17 -24.49 7.94
C LEU A 47 8.25 -23.81 8.79
N ILE A 48 7.88 -22.71 9.45
CA ILE A 48 8.79 -21.95 10.30
C ILE A 48 9.37 -22.84 11.41
N VAL A 49 8.54 -23.75 11.91
CA VAL A 49 8.94 -24.68 12.95
C VAL A 49 9.96 -25.70 12.42
N GLN A 50 9.67 -26.26 11.25
CA GLN A 50 10.57 -27.23 10.66
C GLN A 50 11.94 -26.63 10.38
N ILE A 51 11.96 -25.42 9.86
CA ILE A 51 13.22 -24.79 9.55
C ILE A 51 14.00 -24.37 10.80
N ASN A 52 13.28 -24.05 11.86
CA ASN A 52 13.94 -23.64 13.10
C ASN A 52 14.77 -24.76 13.75
N ARG A 53 14.53 -26.00 13.32
CA ARG A 53 15.30 -27.13 13.84
C ARG A 53 16.72 -26.93 13.36
N VAL A 54 16.87 -26.15 12.30
CA VAL A 54 18.17 -25.87 11.72
C VAL A 54 18.74 -24.54 12.19
N MET A 55 17.86 -23.57 12.41
CA MET A 55 18.30 -22.25 12.85
C MET A 55 18.42 -22.13 14.37
N ASN A 56 17.63 -22.93 15.08
CA ASN A 56 17.62 -22.95 16.54
C ASN A 56 17.45 -21.58 17.17
N LEU A 57 16.28 -20.99 16.94
CA LEU A 57 15.95 -19.69 17.49
C LEU A 57 15.13 -19.95 18.74
N PRO A 58 15.34 -19.16 19.79
CA PRO A 58 14.52 -19.44 20.97
C PRO A 58 13.03 -19.23 20.63
N LYS A 59 12.15 -19.94 21.34
CA LYS A 59 10.71 -19.83 21.10
C LYS A 59 10.17 -18.39 21.09
N ASP A 60 10.68 -17.56 21.98
CA ASP A 60 10.18 -16.19 22.08
C ASP A 60 10.46 -15.39 20.82
N GLN A 61 11.64 -15.58 20.25
CA GLN A 61 12.03 -14.88 19.03
C GLN A 61 11.34 -15.51 17.80
N LEU A 62 11.13 -16.83 17.83
CA LEU A 62 10.49 -17.48 16.72
C LEU A 62 9.05 -16.98 16.64
N ALA A 63 8.44 -16.76 17.79
CA ALA A 63 7.07 -16.29 17.82
C ALA A 63 6.93 -14.97 17.09
N ILE A 64 7.87 -14.07 17.33
CA ILE A 64 7.84 -12.76 16.70
C ILE A 64 8.05 -12.83 15.18
N VAL A 65 9.01 -13.64 14.74
CA VAL A 65 9.28 -13.80 13.32
C VAL A 65 7.96 -14.28 12.73
N SER A 66 7.33 -15.23 13.40
CA SER A 66 6.08 -15.79 12.95
C SER A 66 4.93 -14.78 12.85
N GLN A 67 4.78 -13.90 13.85
CA GLN A 67 3.71 -12.90 13.81
C GLN A 67 3.98 -11.93 12.68
N ILE A 68 5.26 -11.63 12.46
CA ILE A 68 5.66 -10.70 11.40
C ILE A 68 5.23 -11.20 10.03
N VAL A 69 5.55 -12.46 9.76
CA VAL A 69 5.24 -13.08 8.48
C VAL A 69 3.74 -13.21 8.28
N GLU A 70 3.01 -13.58 9.31
CA GLU A 70 1.55 -13.70 9.19
C GLU A 70 0.92 -12.32 8.97
N LEU A 71 1.51 -11.28 9.54
CA LEU A 71 1.01 -9.93 9.34
C LEU A 71 1.23 -9.48 7.89
N LEU A 72 2.44 -9.71 7.34
CA LEU A 72 2.73 -9.34 5.96
C LEU A 72 1.90 -10.17 4.98
N HIS A 73 1.79 -11.47 5.25
CA HIS A 73 1.01 -12.40 4.42
C HIS A 73 -0.48 -12.08 4.36
N ASN A 74 -1.14 -12.02 5.51
CA ASN A 74 -2.55 -11.72 5.51
C ASN A 74 -2.80 -10.38 4.85
N SER A 75 -1.90 -9.43 5.07
CA SER A 75 -2.06 -8.13 4.47
C SER A 75 -1.95 -8.21 2.95
N SER A 76 -0.97 -9.01 2.45
CA SER A 76 -0.74 -9.20 1.01
C SER A 76 -2.02 -9.68 0.36
N LEU A 77 -2.71 -10.60 1.03
CA LEU A 77 -3.94 -11.15 0.49
C LEU A 77 -5.03 -10.10 0.36
N LEU A 78 -5.14 -9.18 1.32
CA LEU A 78 -6.15 -8.12 1.25
C LEU A 78 -5.91 -7.29 -0.01
N ILE A 79 -4.64 -6.98 -0.25
CA ILE A 79 -4.24 -6.22 -1.41
C ILE A 79 -4.39 -7.02 -2.70
N ASP A 80 -3.81 -8.23 -2.73
CA ASP A 80 -3.87 -9.07 -3.92
C ASP A 80 -5.34 -9.25 -4.31
N ASP A 81 -6.21 -9.48 -3.33
CA ASP A 81 -7.60 -9.65 -3.70
C ASP A 81 -8.19 -8.40 -4.36
N ILE A 82 -7.70 -7.22 -4.02
CA ILE A 82 -8.26 -6.03 -4.68
C ILE A 82 -7.68 -6.03 -6.11
N GLU A 83 -6.37 -6.22 -6.18
CA GLU A 83 -5.66 -6.21 -7.43
C GLU A 83 -6.13 -7.28 -8.40
N ASP A 84 -6.49 -8.44 -7.88
CA ASP A 84 -6.94 -9.56 -8.72
C ASP A 84 -8.45 -9.61 -8.86
N ASN A 85 -9.14 -8.65 -8.26
CA ASN A 85 -10.59 -8.59 -8.34
C ASN A 85 -11.29 -9.88 -7.88
N ALA A 86 -10.76 -10.48 -6.82
CA ALA A 86 -11.29 -11.69 -6.25
C ALA A 86 -12.53 -11.50 -5.35
N PRO A 87 -13.52 -12.38 -5.50
CA PRO A 87 -14.77 -12.36 -4.73
C PRO A 87 -14.67 -13.29 -3.48
N LEU A 88 -13.75 -14.26 -3.52
CA LEU A 88 -13.62 -15.21 -2.43
C LEU A 88 -12.19 -15.51 -2.02
N ARG A 89 -11.93 -15.52 -0.71
CA ARG A 89 -10.61 -15.88 -0.18
C ARG A 89 -10.91 -16.81 0.98
N ARG A 90 -10.19 -17.92 1.03
CA ARG A 90 -10.37 -18.90 2.09
C ARG A 90 -11.83 -19.30 2.25
N GLY A 91 -12.63 -19.09 1.21
CA GLY A 91 -14.03 -19.47 1.29
C GLY A 91 -15.00 -18.41 1.72
N GLN A 92 -14.53 -17.22 2.03
CA GLN A 92 -15.44 -16.14 2.42
C GLN A 92 -15.41 -14.95 1.43
N THR A 93 -16.34 -14.01 1.57
CA THR A 93 -16.33 -12.85 0.70
C THR A 93 -15.04 -12.11 1.02
N THR A 94 -14.48 -11.46 0.02
CA THR A 94 -13.26 -10.74 0.25
C THR A 94 -13.53 -9.49 1.09
N SER A 95 -12.54 -9.04 1.84
CA SER A 95 -12.72 -7.85 2.64
C SER A 95 -13.16 -6.61 1.86
N HIS A 96 -12.51 -6.32 0.74
CA HIS A 96 -12.89 -5.11 -0.01
C HIS A 96 -14.34 -5.10 -0.48
N LEU A 97 -14.93 -6.27 -0.73
CA LEU A 97 -16.31 -6.33 -1.17
C LEU A 97 -17.26 -6.00 -0.04
N ILE A 98 -16.80 -6.26 1.18
CA ILE A 98 -17.58 -6.02 2.39
C ILE A 98 -17.37 -4.60 2.91
N PHE A 99 -16.11 -4.24 3.17
CA PHE A 99 -15.79 -2.91 3.71
C PHE A 99 -15.37 -1.85 2.73
N GLY A 100 -15.22 -2.23 1.47
CA GLY A 100 -14.79 -1.28 0.45
C GLY A 100 -13.30 -1.39 0.15
N VAL A 101 -12.95 -1.03 -1.07
CA VAL A 101 -11.58 -1.03 -1.53
C VAL A 101 -10.72 -0.01 -0.72
N PRO A 102 -11.27 1.19 -0.50
CA PRO A 102 -10.55 2.22 0.26
C PRO A 102 -10.06 1.81 1.65
N SER A 103 -10.94 1.29 2.51
CA SER A 103 -10.49 0.91 3.84
C SER A 103 -9.56 -0.26 3.76
N THR A 104 -9.85 -1.20 2.88
CA THR A 104 -9.02 -2.38 2.78
C THR A 104 -7.59 -2.03 2.36
N ILE A 105 -7.43 -1.12 1.41
CA ILE A 105 -6.08 -0.71 1.00
C ILE A 105 -5.37 -0.08 2.21
N ASN A 106 -6.04 0.86 2.86
CA ASN A 106 -5.43 1.53 3.99
C ASN A 106 -5.04 0.61 5.14
N THR A 107 -5.92 -0.30 5.46
CA THR A 107 -5.69 -1.20 6.56
C THR A 107 -4.54 -2.13 6.24
N ALA A 108 -4.56 -2.66 5.01
CA ALA A 108 -3.51 -3.56 4.57
C ALA A 108 -2.16 -2.82 4.59
N ASN A 109 -2.11 -1.59 4.08
CA ASN A 109 -0.84 -0.88 4.10
C ASN A 109 -0.51 -0.52 5.54
N TYR A 110 -1.55 -0.33 6.34
CA TYR A 110 -1.33 -0.02 7.75
C TYR A 110 -0.59 -1.19 8.38
N MET A 111 -1.07 -2.42 8.11
CA MET A 111 -0.43 -3.61 8.67
C MET A 111 1.01 -3.85 8.23
N TYR A 112 1.39 -3.38 7.04
CA TYR A 112 2.75 -3.55 6.57
C TYR A 112 3.64 -2.88 7.58
N PHE A 113 3.30 -1.64 7.94
CA PHE A 113 4.11 -0.87 8.89
C PHE A 113 4.06 -1.37 10.36
N ARG A 114 2.98 -2.04 10.72
CA ARG A 114 2.86 -2.61 12.06
C ARG A 114 3.87 -3.74 12.08
N ALA A 115 3.99 -4.44 10.96
CA ALA A 115 4.92 -5.55 10.84
C ALA A 115 6.36 -5.03 10.98
N MET A 116 6.65 -3.95 10.27
CA MET A 116 7.98 -3.34 10.32
C MET A 116 8.23 -2.99 11.81
N GLN A 117 7.19 -2.49 12.47
CA GLN A 117 7.32 -2.10 13.87
C GLN A 117 7.62 -3.26 14.83
N LEU A 118 7.28 -4.50 14.45
CA LEU A 118 7.57 -5.66 15.31
C LEU A 118 9.06 -6.08 15.20
N VAL A 119 9.72 -5.62 14.14
CA VAL A 119 11.12 -5.94 13.90
C VAL A 119 12.01 -5.41 15.03
N SER A 120 11.69 -4.25 15.59
CA SER A 120 12.52 -3.74 16.67
C SER A 120 12.35 -4.54 17.98
N GLN A 121 11.67 -5.67 17.89
CA GLN A 121 11.48 -6.49 19.07
C GLN A 121 12.20 -7.82 18.92
N LEU A 122 13.01 -7.94 17.88
CA LEU A 122 13.72 -9.19 17.66
C LEU A 122 15.09 -9.06 18.28
N THR A 123 15.53 -7.82 18.44
CA THR A 123 16.84 -7.53 19.01
C THR A 123 16.90 -6.14 19.59
N THR A 124 17.93 -5.94 20.40
CA THR A 124 18.20 -4.68 21.04
C THR A 124 19.59 -4.26 20.54
N LYS A 125 20.24 -5.15 19.79
CA LYS A 125 21.57 -4.93 19.23
C LYS A 125 21.50 -4.13 17.92
N GLU A 126 22.04 -2.91 17.93
CA GLU A 126 22.00 -2.00 16.79
C GLU A 126 22.45 -2.52 15.42
N PRO A 127 23.57 -3.27 15.35
CA PRO A 127 24.07 -3.82 14.09
C PRO A 127 23.13 -4.90 13.53
N LEU A 128 22.69 -5.80 14.43
CA LEU A 128 21.77 -6.87 14.07
C LEU A 128 20.46 -6.24 13.60
N TYR A 129 19.91 -5.31 14.38
CA TYR A 129 18.68 -4.65 13.99
C TYR A 129 18.81 -4.07 12.60
N HIS A 130 19.91 -3.38 12.38
CA HIS A 130 20.16 -2.79 11.10
C HIS A 130 20.05 -3.81 9.97
N ASN A 131 20.43 -5.06 10.21
CA ASN A 131 20.34 -6.07 9.14
C ASN A 131 18.95 -6.64 8.96
N LEU A 132 18.16 -6.64 10.00
CA LEU A 132 16.81 -7.16 9.92
C LEU A 132 15.98 -6.15 9.11
N ILE A 133 16.25 -4.86 9.29
CA ILE A 133 15.49 -3.82 8.57
C ILE A 133 15.80 -3.84 7.08
N THR A 134 17.08 -3.98 6.78
CA THR A 134 17.55 -4.05 5.42
C THR A 134 16.95 -5.27 4.73
N ILE A 135 16.86 -6.39 5.44
CA ILE A 135 16.30 -7.61 4.88
C ILE A 135 14.83 -7.38 4.61
N PHE A 136 14.14 -6.84 5.61
CA PHE A 136 12.71 -6.56 5.52
C PHE A 136 12.44 -5.69 4.30
N ASN A 137 13.21 -4.61 4.21
CA ASN A 137 13.05 -3.65 3.13
C ASN A 137 13.36 -4.22 1.74
N GLU A 138 14.42 -5.01 1.63
CA GLU A 138 14.81 -5.60 0.37
C GLU A 138 13.79 -6.60 -0.17
N GLU A 139 13.36 -7.52 0.66
CA GLU A 139 12.40 -8.51 0.23
C GLU A 139 11.03 -7.92 -0.08
N LEU A 140 10.66 -6.84 0.60
CA LEU A 140 9.39 -6.20 0.32
C LEU A 140 9.51 -5.47 -1.03
N ILE A 141 10.69 -4.94 -1.32
CA ILE A 141 10.92 -4.28 -2.60
C ILE A 141 10.80 -5.38 -3.65
N ASN A 142 11.28 -6.57 -3.37
CA ASN A 142 11.20 -7.65 -4.35
C ASN A 142 9.76 -8.15 -4.56
N LEU A 143 9.01 -8.27 -3.46
CA LEU A 143 7.64 -8.74 -3.55
C LEU A 143 6.86 -7.82 -4.46
N HIS A 144 7.03 -6.52 -4.30
CA HIS A 144 6.32 -5.59 -5.13
C HIS A 144 6.76 -5.61 -6.59
N ARG A 145 8.03 -5.96 -6.79
CA ARG A 145 8.55 -6.04 -8.15
C ARG A 145 7.91 -7.22 -8.87
N GLY A 146 7.86 -8.39 -8.23
CA GLY A 146 7.23 -9.51 -8.89
C GLY A 146 5.74 -9.25 -9.13
N GLN A 147 5.05 -8.81 -8.08
CA GLN A 147 3.64 -8.52 -8.15
C GLN A 147 3.39 -7.49 -9.25
N GLY A 148 4.25 -6.47 -9.28
CA GLY A 148 4.12 -5.43 -10.29
C GLY A 148 4.07 -6.00 -11.70
N LEU A 149 5.02 -6.86 -12.06
CA LEU A 149 5.05 -7.48 -13.38
C LEU A 149 3.85 -8.39 -13.62
N ASP A 150 3.49 -9.19 -12.61
CA ASP A 150 2.36 -10.08 -12.76
C ASP A 150 1.12 -9.27 -13.12
N ILE A 151 0.93 -8.14 -12.45
CA ILE A 151 -0.21 -7.30 -12.75
C ILE A 151 -0.05 -6.64 -14.12
N TYR A 152 1.14 -6.15 -14.47
CA TYR A 152 1.32 -5.49 -15.79
C TYR A 152 0.97 -6.42 -16.99
N TRP A 153 1.58 -7.61 -17.01
CA TRP A 153 1.34 -8.57 -18.07
C TRP A 153 -0.15 -8.88 -18.23
N ARG A 154 -0.82 -9.06 -17.10
CA ARG A 154 -2.24 -9.38 -17.10
C ARG A 154 -3.11 -8.25 -17.60
N ASP A 155 -2.83 -7.04 -17.13
CA ASP A 155 -3.63 -5.89 -17.49
C ASP A 155 -3.32 -5.24 -18.83
N PHE A 156 -2.09 -5.33 -19.29
CA PHE A 156 -1.78 -4.74 -20.57
C PHE A 156 -1.63 -5.81 -21.66
N LEU A 157 -2.09 -7.02 -21.34
CA LEU A 157 -2.03 -8.13 -22.32
C LEU A 157 -2.80 -7.61 -23.54
N PRO A 158 -2.34 -7.95 -24.76
CA PRO A 158 -1.17 -8.76 -25.06
C PRO A 158 0.09 -7.99 -25.34
N GLU A 159 0.26 -6.84 -24.71
CA GLU A 159 1.47 -6.05 -24.90
C GLU A 159 2.71 -6.90 -24.60
N ILE A 160 2.60 -7.83 -23.66
CA ILE A 160 3.72 -8.69 -23.32
C ILE A 160 3.27 -10.12 -23.04
N ILE A 161 3.81 -11.05 -23.81
CA ILE A 161 3.51 -12.48 -23.64
C ILE A 161 4.81 -12.96 -23.00
N PRO A 162 4.83 -13.10 -21.67
CA PRO A 162 6.02 -13.57 -20.95
C PRO A 162 6.42 -14.98 -21.31
N THR A 163 7.72 -15.24 -21.34
CA THR A 163 8.21 -16.57 -21.63
C THR A 163 8.27 -17.32 -20.31
N GLN A 164 8.66 -18.59 -20.37
CA GLN A 164 8.76 -19.36 -19.16
C GLN A 164 9.81 -18.75 -18.24
N GLU A 165 10.94 -18.31 -18.79
CA GLU A 165 11.97 -17.70 -17.95
C GLU A 165 11.47 -16.40 -17.28
N MET A 166 10.81 -15.54 -18.04
CA MET A 166 10.27 -14.30 -17.47
C MET A 166 9.31 -14.62 -16.32
N TYR A 167 8.41 -15.55 -16.55
CA TYR A 167 7.45 -15.97 -15.52
C TYR A 167 8.16 -16.48 -14.26
N LEU A 168 9.24 -17.24 -14.48
CA LEU A 168 9.98 -17.80 -13.37
C LEU A 168 10.66 -16.70 -12.55
N ASN A 169 11.17 -15.66 -13.18
CA ASN A 169 11.82 -14.59 -12.42
C ASN A 169 10.81 -13.80 -11.64
N MET A 170 9.63 -13.58 -12.23
CA MET A 170 8.59 -12.83 -11.56
C MET A 170 8.21 -13.64 -10.34
N VAL A 171 8.19 -14.95 -10.50
CA VAL A 171 7.85 -15.85 -9.38
C VAL A 171 8.90 -15.77 -8.22
N MET A 172 10.18 -15.67 -8.57
CA MET A 172 11.24 -15.53 -7.58
C MET A 172 10.91 -14.34 -6.68
N ASN A 173 10.76 -13.15 -7.29
CA ASN A 173 10.43 -11.92 -6.58
C ASN A 173 9.11 -12.10 -5.82
N LYS A 174 8.03 -12.29 -6.57
CA LYS A 174 6.67 -12.42 -6.03
C LYS A 174 6.41 -13.41 -4.91
N THR A 175 6.68 -14.69 -5.15
CA THR A 175 6.42 -15.71 -4.14
C THR A 175 7.68 -16.07 -3.36
N GLY A 176 8.81 -16.15 -4.06
CA GLY A 176 10.05 -16.44 -3.38
C GLY A 176 10.30 -15.35 -2.36
N GLY A 177 9.82 -14.15 -2.64
CA GLY A 177 9.99 -12.99 -1.76
C GLY A 177 9.68 -13.20 -0.30
N LEU A 178 8.48 -13.68 0.02
CA LEU A 178 8.14 -13.90 1.43
C LEU A 178 8.91 -15.08 2.01
N PHE A 179 9.07 -16.13 1.22
CA PHE A 179 9.81 -17.28 1.67
C PHE A 179 11.21 -16.79 2.12
N ARG A 180 11.90 -16.04 1.25
CA ARG A 180 13.22 -15.51 1.56
C ARG A 180 13.24 -14.56 2.74
N LEU A 181 12.23 -13.69 2.85
CA LEU A 181 12.20 -12.77 3.99
C LEU A 181 12.20 -13.52 5.34
N THR A 182 11.36 -14.55 5.45
CA THR A 182 11.29 -15.34 6.67
C THR A 182 12.62 -16.02 6.98
N LEU A 183 13.15 -16.72 5.98
CA LEU A 183 14.41 -17.43 6.13
C LEU A 183 15.57 -16.51 6.48
N ARG A 184 15.78 -15.48 5.68
CA ARG A 184 16.87 -14.55 5.91
C ARG A 184 16.79 -13.90 7.29
N LEU A 185 15.57 -13.69 7.79
CA LEU A 185 15.43 -13.07 9.08
C LEU A 185 15.97 -14.07 10.08
N MET A 186 15.57 -15.32 9.90
CA MET A 186 15.97 -16.42 10.76
C MET A 186 17.48 -16.68 10.73
N GLU A 187 18.05 -16.71 9.53
CA GLU A 187 19.48 -16.95 9.42
C GLU A 187 20.24 -15.84 10.10
N ALA A 188 19.74 -14.62 10.03
CA ALA A 188 20.43 -13.52 10.68
C ALA A 188 20.30 -13.57 12.21
N LEU A 189 19.24 -14.21 12.70
CA LEU A 189 19.01 -14.31 14.15
C LEU A 189 19.59 -15.58 14.75
N SER A 190 19.91 -16.54 13.88
CA SER A 190 20.44 -17.82 14.30
C SER A 190 21.60 -17.68 15.25
N PRO A 191 21.42 -18.02 16.54
CA PRO A 191 22.53 -17.91 17.48
C PRO A 191 23.63 -18.83 16.95
N SER A 192 23.19 -19.97 16.42
CA SER A 192 24.04 -20.99 15.80
C SER A 192 24.81 -20.42 14.59
N HIS A 197 25.68 -24.56 4.56
CA HIS A 197 25.33 -23.60 3.47
C HIS A 197 24.00 -22.90 3.77
N SER A 198 23.73 -21.78 3.08
CA SER A 198 22.48 -21.02 3.27
C SER A 198 21.31 -21.77 2.60
N LEU A 199 20.13 -21.62 3.18
CA LEU A 199 18.95 -22.30 2.65
C LEU A 199 18.12 -21.50 1.69
N VAL A 200 18.60 -20.33 1.30
CA VAL A 200 17.86 -19.46 0.39
C VAL A 200 17.52 -20.15 -0.94
N PRO A 201 18.52 -20.73 -1.63
CA PRO A 201 18.33 -21.42 -2.91
C PRO A 201 17.20 -22.41 -2.80
N PHE A 202 17.23 -23.20 -1.72
CA PHE A 202 16.21 -24.20 -1.45
C PHE A 202 14.86 -23.55 -1.21
N ILE A 203 14.85 -22.43 -0.51
CA ILE A 203 13.61 -21.74 -0.23
C ILE A 203 13.09 -21.09 -1.52
N ASN A 204 14.02 -20.70 -2.40
CA ASN A 204 13.63 -20.12 -3.68
C ASN A 204 12.94 -21.21 -4.49
N LEU A 205 13.54 -22.39 -4.53
CA LEU A 205 12.98 -23.51 -5.28
C LEU A 205 11.60 -23.87 -4.72
N LEU A 206 11.46 -23.83 -3.40
CA LEU A 206 10.20 -24.16 -2.75
C LEU A 206 9.09 -23.15 -3.11
N GLY A 207 9.47 -21.88 -3.18
CA GLY A 207 8.52 -20.84 -3.53
C GLY A 207 8.02 -21.06 -4.96
N ILE A 208 8.94 -21.44 -5.85
CA ILE A 208 8.59 -21.67 -7.23
C ILE A 208 7.65 -22.85 -7.32
N ILE A 209 7.99 -23.92 -6.60
CA ILE A 209 7.14 -25.10 -6.60
C ILE A 209 5.76 -24.69 -6.08
N TYR A 210 5.76 -23.92 -5.01
CA TYR A 210 4.51 -23.47 -4.43
C TYR A 210 3.63 -22.67 -5.38
N GLN A 211 4.21 -21.71 -6.09
CA GLN A 211 3.44 -20.89 -7.00
C GLN A 211 2.94 -21.65 -8.25
N ILE A 212 3.78 -22.51 -8.83
CA ILE A 212 3.36 -23.26 -10.01
C ILE A 212 2.25 -24.26 -9.60
N ARG A 213 2.32 -24.75 -8.36
CA ARG A 213 1.32 -25.71 -7.90
C ARG A 213 -0.02 -25.00 -7.71
N ASP A 214 0.02 -23.79 -7.15
CA ASP A 214 -1.18 -22.97 -6.97
C ASP A 214 -1.79 -22.74 -8.37
N ASP A 215 -0.95 -22.27 -9.31
CA ASP A 215 -1.39 -22.04 -10.68
C ASP A 215 -2.05 -23.30 -11.23
N TYR A 216 -1.36 -24.41 -11.08
CA TYR A 216 -1.85 -25.68 -11.56
C TYR A 216 -3.19 -26.08 -10.94
N LEU A 217 -3.20 -26.35 -9.64
CA LEU A 217 -4.44 -26.77 -8.99
C LEU A 217 -5.65 -25.86 -9.21
N ASN A 218 -5.42 -24.57 -9.47
CA ASN A 218 -6.53 -23.66 -9.70
C ASN A 218 -7.41 -24.11 -10.86
N LEU A 219 -6.80 -24.81 -11.82
CA LEU A 219 -7.49 -25.28 -13.00
C LEU A 219 -7.85 -26.75 -12.92
N LYS A 220 -6.99 -27.52 -12.28
CA LYS A 220 -7.18 -28.96 -12.13
C LYS A 220 -8.39 -29.26 -11.26
N ASP A 221 -8.55 -28.48 -10.20
CA ASP A 221 -9.68 -28.66 -9.30
C ASP A 221 -11.00 -28.12 -9.86
N PHE A 222 -11.03 -27.94 -11.18
CA PHE A 222 -12.22 -27.45 -11.89
C PHE A 222 -12.48 -28.47 -13.00
N GLN A 223 -11.39 -28.95 -13.59
CA GLN A 223 -11.47 -29.95 -14.64
C GLN A 223 -11.98 -31.24 -14.03
N MET A 224 -11.78 -31.40 -12.72
CA MET A 224 -12.23 -32.58 -12.01
C MET A 224 -13.59 -32.35 -11.32
N SER A 225 -13.81 -31.12 -10.85
CA SER A 225 -15.07 -30.79 -10.21
C SER A 225 -15.34 -29.29 -10.27
N SER A 226 -16.38 -28.91 -11.03
CA SER A 226 -16.76 -27.51 -11.18
C SER A 226 -17.27 -26.99 -9.85
N GLU A 227 -17.02 -27.78 -8.81
CA GLU A 227 -17.41 -27.45 -7.44
C GLU A 227 -16.29 -27.74 -6.42
N LYS A 228 -15.07 -27.89 -6.93
CA LYS A 228 -13.88 -28.11 -6.10
C LYS A 228 -13.08 -26.81 -6.12
N GLY A 229 -13.00 -26.23 -7.32
CA GLY A 229 -12.30 -24.97 -7.52
C GLY A 229 -13.25 -24.20 -8.42
N PHE A 230 -12.89 -22.98 -8.83
CA PHE A 230 -13.75 -22.19 -9.72
C PHE A 230 -12.96 -21.71 -10.93
N ALA A 231 -11.66 -22.04 -10.95
CA ALA A 231 -10.73 -21.63 -12.02
C ALA A 231 -10.81 -20.12 -12.09
N GLU A 232 -10.79 -19.52 -10.91
CA GLU A 232 -10.88 -18.08 -10.79
C GLU A 232 -9.76 -17.39 -11.52
N ASP A 233 -8.63 -18.07 -11.63
CA ASP A 233 -7.44 -17.53 -12.33
C ASP A 233 -7.77 -17.12 -13.77
N ILE A 234 -8.68 -17.89 -14.41
CA ILE A 234 -9.09 -17.58 -15.78
C ILE A 234 -9.91 -16.31 -15.74
N THR A 235 -10.77 -16.21 -14.74
CA THR A 235 -11.59 -15.03 -14.58
C THR A 235 -10.73 -13.80 -14.43
N GLU A 236 -9.69 -13.93 -13.62
CA GLU A 236 -8.77 -12.82 -13.41
C GLU A 236 -7.95 -12.52 -14.67
N GLY A 237 -7.74 -13.50 -15.54
CA GLY A 237 -6.98 -13.27 -16.77
C GLY A 237 -5.48 -13.42 -16.57
N LYS A 238 -5.12 -13.94 -15.40
CA LYS A 238 -3.75 -14.17 -14.96
C LYS A 238 -2.84 -14.99 -15.89
N LEU A 239 -1.58 -14.59 -16.01
CA LEU A 239 -0.64 -15.33 -16.83
C LEU A 239 0.00 -16.40 -15.95
N SER A 240 -0.78 -17.43 -15.62
CA SER A 240 -0.33 -18.54 -14.81
C SER A 240 0.73 -19.37 -15.57
N PHE A 241 1.37 -20.33 -14.90
CA PHE A 241 2.40 -21.15 -15.54
C PHE A 241 1.84 -21.93 -16.76
N PRO A 242 0.65 -22.56 -16.61
CA PRO A 242 0.11 -23.29 -17.75
C PRO A 242 -0.20 -22.32 -18.92
N ILE A 243 -0.81 -21.17 -18.60
CA ILE A 243 -1.13 -20.19 -19.62
C ILE A 243 0.11 -19.71 -20.41
N VAL A 244 1.18 -19.40 -19.69
CA VAL A 244 2.44 -18.96 -20.30
C VAL A 244 2.95 -20.09 -21.21
N HIS A 245 2.84 -21.34 -20.76
CA HIS A 245 3.27 -22.43 -21.59
C HIS A 245 2.41 -22.55 -22.87
N ALA A 246 1.10 -22.36 -22.72
CA ALA A 246 0.18 -22.46 -23.84
C ALA A 246 0.38 -21.33 -24.87
N LEU A 247 0.57 -20.11 -24.39
CA LEU A 247 0.74 -19.00 -25.29
C LEU A 247 2.02 -19.12 -26.10
N ASN A 248 3.11 -19.58 -25.48
CA ASN A 248 4.38 -19.73 -26.22
C ASN A 248 4.36 -20.96 -27.15
N PHE A 249 3.74 -22.04 -26.66
CA PHE A 249 3.61 -23.26 -27.42
C PHE A 249 2.82 -22.98 -28.70
N THR A 250 1.66 -22.34 -28.58
CA THR A 250 0.84 -22.05 -29.75
C THR A 250 1.51 -21.10 -30.75
N LYS A 251 2.28 -20.15 -30.23
CA LYS A 251 3.01 -19.21 -31.07
C LYS A 251 4.10 -19.99 -31.81
N THR A 252 4.81 -20.85 -31.08
CA THR A 252 5.88 -21.67 -31.65
C THR A 252 5.43 -22.74 -32.63
N LYS A 253 4.26 -23.29 -32.38
CA LYS A 253 3.73 -24.32 -33.25
C LYS A 253 2.94 -23.67 -34.38
N GLY A 254 2.81 -22.35 -34.30
CA GLY A 254 2.08 -21.62 -35.31
C GLY A 254 0.56 -21.76 -35.18
N GLN A 255 0.07 -22.06 -33.98
CA GLN A 255 -1.38 -22.18 -33.81
C GLN A 255 -1.95 -20.79 -33.55
N THR A 256 -2.09 -20.01 -34.60
CA THR A 256 -2.61 -18.67 -34.49
C THR A 256 -3.98 -18.54 -33.85
N GLU A 257 -4.94 -19.31 -34.33
CA GLU A 257 -6.29 -19.27 -33.81
C GLU A 257 -6.32 -19.59 -32.32
N GLN A 258 -5.71 -20.73 -31.97
CA GLN A 258 -5.65 -21.12 -30.58
C GLN A 258 -4.97 -20.02 -29.77
N HIS A 259 -3.83 -19.53 -30.24
CA HIS A 259 -3.10 -18.49 -29.52
C HIS A 259 -4.02 -17.30 -29.24
N ASN A 260 -4.76 -16.90 -30.27
CA ASN A 260 -5.66 -15.77 -30.14
C ASN A 260 -6.91 -16.03 -29.30
N GLU A 261 -7.43 -17.26 -29.35
CA GLU A 261 -8.62 -17.60 -28.58
C GLU A 261 -8.24 -17.60 -27.09
N ILE A 262 -7.03 -18.05 -26.78
CA ILE A 262 -6.58 -18.06 -25.41
C ILE A 262 -6.56 -16.62 -24.92
N LEU A 263 -6.06 -15.71 -25.74
CA LEU A 263 -5.98 -14.30 -25.35
C LEU A 263 -7.36 -13.71 -25.14
N ARG A 264 -8.26 -14.05 -26.05
CA ARG A 264 -9.61 -13.53 -26.01
C ARG A 264 -10.28 -13.94 -24.71
N ILE A 265 -10.21 -15.24 -24.39
CA ILE A 265 -10.86 -15.71 -23.19
C ILE A 265 -10.31 -15.02 -21.94
N LEU A 266 -8.98 -14.87 -21.86
CA LEU A 266 -8.37 -14.21 -20.73
C LEU A 266 -8.83 -12.76 -20.67
N LEU A 267 -8.80 -12.07 -21.80
CA LEU A 267 -9.23 -10.68 -21.79
C LEU A 267 -10.70 -10.43 -21.45
N LEU A 268 -11.53 -11.47 -21.56
CA LEU A 268 -12.93 -11.36 -21.21
C LEU A 268 -13.17 -11.15 -19.72
N ARG A 269 -12.40 -11.85 -18.88
CA ARG A 269 -12.57 -11.78 -17.42
C ARG A 269 -13.96 -12.37 -17.17
N THR A 270 -14.22 -13.51 -17.78
CA THR A 270 -15.52 -14.14 -17.66
C THR A 270 -15.65 -15.09 -16.47
N SER A 271 -16.85 -15.16 -15.93
CA SER A 271 -17.15 -16.06 -14.85
C SER A 271 -17.95 -17.20 -15.46
N ASP A 272 -17.94 -17.32 -16.79
CA ASP A 272 -18.69 -18.40 -17.41
C ASP A 272 -17.93 -19.74 -17.32
N LYS A 273 -18.55 -20.67 -16.60
CA LYS A 273 -18.02 -22.00 -16.35
C LYS A 273 -17.71 -22.79 -17.60
N ASP A 274 -18.52 -22.66 -18.65
CA ASP A 274 -18.26 -23.41 -19.85
C ASP A 274 -17.10 -22.80 -20.63
N ILE A 275 -17.02 -21.47 -20.63
CA ILE A 275 -15.92 -20.80 -21.31
C ILE A 275 -14.61 -21.16 -20.56
N LYS A 276 -14.64 -21.11 -19.23
CA LYS A 276 -13.46 -21.46 -18.45
C LYS A 276 -13.10 -22.92 -18.72
N LEU A 277 -14.09 -23.76 -18.89
CA LEU A 277 -13.81 -25.16 -19.14
C LEU A 277 -13.32 -25.42 -20.59
N LYS A 278 -13.67 -24.55 -21.53
CA LYS A 278 -13.17 -24.73 -22.88
C LYS A 278 -11.66 -24.43 -22.87
N LEU A 279 -11.26 -23.37 -22.16
CA LEU A 279 -9.86 -22.97 -22.06
C LEU A 279 -9.01 -24.05 -21.37
N ILE A 280 -9.53 -24.61 -20.29
CA ILE A 280 -8.85 -25.66 -19.54
C ILE A 280 -8.63 -26.89 -20.43
N GLN A 281 -9.61 -27.18 -21.28
CA GLN A 281 -9.52 -28.34 -22.19
C GLN A 281 -8.60 -28.01 -23.38
N ILE A 282 -8.45 -26.73 -23.68
CA ILE A 282 -7.53 -26.35 -24.75
C ILE A 282 -6.14 -26.66 -24.16
N LEU A 283 -5.94 -26.28 -22.88
CA LEU A 283 -4.66 -26.56 -22.22
C LEU A 283 -4.49 -28.08 -22.04
N GLU A 284 -5.60 -28.78 -21.90
CA GLU A 284 -5.54 -30.21 -21.73
C GLU A 284 -5.14 -31.00 -23.00
N PHE A 285 -5.90 -30.83 -24.09
CA PHE A 285 -5.67 -31.55 -25.35
C PHE A 285 -4.95 -30.85 -26.50
N ASP A 286 -5.00 -29.52 -26.54
CA ASP A 286 -4.38 -28.83 -27.63
C ASP A 286 -2.93 -28.51 -27.40
N THR A 287 -2.60 -27.97 -26.23
CA THR A 287 -1.24 -27.58 -25.93
C THR A 287 -0.57 -28.50 -24.93
N ASN A 288 -1.34 -29.34 -24.27
CA ASN A 288 -0.76 -30.24 -23.27
C ASN A 288 -0.05 -29.40 -22.19
N SER A 289 -0.62 -28.26 -21.85
CA SER A 289 0.02 -27.43 -20.86
C SER A 289 -0.18 -28.00 -19.48
N LEU A 290 -1.29 -28.68 -19.29
CA LEU A 290 -1.55 -29.28 -17.99
C LEU A 290 -0.59 -30.45 -17.71
N ALA A 291 -0.32 -31.29 -18.71
CA ALA A 291 0.62 -32.40 -18.53
C ALA A 291 2.02 -31.81 -18.31
N TYR A 292 2.37 -30.83 -19.14
CA TYR A 292 3.65 -30.16 -19.08
C TYR A 292 3.92 -29.56 -17.71
N THR A 293 2.90 -28.92 -17.14
CA THR A 293 3.03 -28.28 -15.83
C THR A 293 3.19 -29.31 -14.72
N LYS A 294 2.43 -30.38 -14.82
CA LYS A 294 2.50 -31.45 -13.83
C LYS A 294 3.90 -32.02 -13.86
N ASN A 295 4.38 -32.35 -15.05
CA ASN A 295 5.70 -32.93 -15.16
C ASN A 295 6.78 -31.95 -14.69
N PHE A 296 6.56 -30.66 -14.93
CA PHE A 296 7.50 -29.63 -14.52
C PHE A 296 7.53 -29.60 -12.98
N ILE A 297 6.39 -29.81 -12.36
CA ILE A 297 6.37 -29.79 -10.91
C ILE A 297 7.11 -30.98 -10.29
N ASN A 298 7.02 -32.15 -10.94
CA ASN A 298 7.70 -33.34 -10.42
C ASN A 298 9.19 -33.19 -10.59
N GLN A 299 9.61 -32.61 -11.71
CA GLN A 299 11.03 -32.40 -11.94
C GLN A 299 11.62 -31.47 -10.86
N LEU A 300 10.92 -30.38 -10.55
CA LEU A 300 11.39 -29.43 -9.56
C LEU A 300 11.45 -30.08 -8.20
N VAL A 301 10.49 -30.97 -7.93
CA VAL A 301 10.45 -31.67 -6.65
C VAL A 301 11.55 -32.71 -6.58
N ASN A 302 11.92 -33.29 -7.72
CA ASN A 302 12.96 -34.31 -7.77
C ASN A 302 14.32 -33.71 -7.45
N MET A 303 14.55 -32.47 -7.89
CA MET A 303 15.81 -31.81 -7.60
C MET A 303 16.03 -31.81 -6.10
N ILE A 304 14.93 -31.76 -5.35
CA ILE A 304 14.99 -31.76 -3.90
C ILE A 304 15.04 -33.20 -3.39
N LYS A 305 13.93 -33.93 -3.50
CA LYS A 305 13.87 -35.33 -3.04
C LYS A 305 15.13 -36.10 -3.46
N ASN A 306 15.70 -35.75 -4.60
CA ASN A 306 16.91 -36.40 -5.11
C ASN A 306 18.19 -35.60 -4.87
N ASP A 307 18.38 -35.17 -3.63
CA ASP A 307 19.56 -34.43 -3.24
C ASP A 307 20.14 -35.10 -2.00
N ASN A 308 20.94 -36.13 -2.22
CA ASN A 308 21.57 -36.87 -1.14
C ASN A 308 22.83 -36.20 -0.64
N GLU A 309 23.38 -35.32 -1.48
CA GLU A 309 24.59 -34.59 -1.15
C GLU A 309 24.28 -33.34 -0.33
N ASN A 310 23.00 -33.19 0.04
CA ASN A 310 22.54 -32.04 0.80
C ASN A 310 23.08 -30.71 0.27
N LYS A 311 22.90 -30.48 -1.03
CA LYS A 311 23.34 -29.23 -1.65
C LYS A 311 22.20 -28.22 -1.53
N TYR A 312 21.03 -28.74 -1.15
CA TYR A 312 19.80 -27.94 -0.97
C TYR A 312 19.35 -28.00 0.48
N LYS B 3 14.95 -32.97 -18.67
CA LYS B 3 15.35 -33.27 -17.27
C LYS B 3 16.68 -32.60 -16.87
N ASN B 4 17.71 -32.81 -17.68
CA ASN B 4 19.03 -32.24 -17.37
C ASN B 4 19.27 -30.76 -17.65
N LYS B 5 18.86 -30.25 -18.81
CA LYS B 5 19.11 -28.84 -19.09
C LYS B 5 18.17 -27.90 -18.32
N MET B 6 16.98 -28.39 -18.00
CA MET B 6 15.97 -27.64 -17.24
C MET B 6 16.43 -27.47 -15.79
N GLU B 7 17.12 -28.48 -15.28
CA GLU B 7 17.63 -28.46 -13.92
C GLU B 7 18.81 -27.51 -13.82
N ALA B 8 19.57 -27.41 -14.90
CA ALA B 8 20.73 -26.53 -14.93
C ALA B 8 20.26 -25.09 -14.81
N LYS B 9 19.20 -24.75 -15.53
CA LYS B 9 18.66 -23.40 -15.51
C LYS B 9 17.96 -23.06 -14.18
N ILE B 10 17.20 -24.01 -13.65
CA ILE B 10 16.53 -23.78 -12.39
C ILE B 10 17.63 -23.54 -11.36
N ASP B 11 18.67 -24.35 -11.45
CA ASP B 11 19.80 -24.26 -10.53
C ASP B 11 20.42 -22.87 -10.54
N GLU B 12 20.67 -22.33 -11.73
CA GLU B 12 21.24 -21.00 -11.85
C GLU B 12 20.29 -19.97 -11.22
N LEU B 13 19.01 -20.12 -11.55
CA LEU B 13 17.96 -19.23 -11.08
C LEU B 13 17.84 -19.13 -9.56
N ILE B 14 17.79 -20.27 -8.86
CA ILE B 14 17.64 -20.23 -7.41
C ILE B 14 18.90 -19.85 -6.65
N ASN B 15 20.06 -19.91 -7.31
CA ASN B 15 21.30 -19.54 -6.63
C ASN B 15 21.68 -18.11 -6.83
N ASN B 16 20.87 -17.37 -7.57
CA ASN B 16 21.16 -15.97 -7.80
C ASN B 16 20.15 -15.03 -7.15
N ASP B 17 20.58 -13.79 -6.97
CA ASP B 17 19.67 -12.83 -6.38
C ASP B 17 18.53 -12.70 -7.38
N PRO B 18 17.37 -12.19 -6.95
CA PRO B 18 16.32 -12.10 -7.97
C PRO B 18 16.68 -11.15 -9.12
N VAL B 19 16.38 -11.60 -10.34
CA VAL B 19 16.63 -10.84 -11.54
C VAL B 19 15.71 -9.61 -11.68
N TRP B 20 16.26 -8.45 -11.98
CA TRP B 20 15.42 -7.28 -12.19
C TRP B 20 16.11 -6.35 -13.19
N SER B 21 15.39 -5.90 -14.20
CA SER B 21 15.97 -5.05 -15.21
C SER B 21 15.48 -3.62 -15.13
N SER B 22 16.13 -2.76 -15.89
CA SER B 22 15.77 -1.35 -15.94
C SER B 22 14.45 -1.15 -16.72
N GLN B 23 14.20 -2.08 -17.61
CA GLN B 23 13.01 -2.05 -18.43
C GLN B 23 11.79 -2.37 -17.55
N ASN B 24 11.96 -3.35 -16.67
CA ASN B 24 10.91 -3.75 -15.75
C ASN B 24 10.62 -2.55 -14.82
N GLU B 25 11.68 -1.86 -14.42
CA GLU B 25 11.53 -0.71 -13.56
C GLU B 25 10.63 0.34 -14.24
N SER B 26 10.81 0.54 -15.54
CA SER B 26 10.01 1.52 -16.27
C SER B 26 8.55 1.15 -16.26
N LEU B 27 8.29 -0.14 -16.46
CA LEU B 27 6.91 -0.62 -16.48
C LEU B 27 6.23 -0.39 -15.15
N ILE B 28 6.91 -0.76 -14.07
CA ILE B 28 6.42 -0.64 -12.72
C ILE B 28 6.32 0.80 -12.27
N SER B 29 7.00 1.72 -12.95
CA SER B 29 6.96 3.13 -12.56
C SER B 29 5.96 3.99 -13.29
N LYS B 30 5.43 3.50 -14.40
CA LYS B 30 4.49 4.27 -15.21
C LYS B 30 3.48 5.06 -14.39
N PRO B 31 2.80 4.41 -13.43
CA PRO B 31 1.83 5.18 -12.64
C PRO B 31 2.50 6.30 -11.87
N TYR B 32 3.73 6.08 -11.42
CA TYR B 32 4.42 7.09 -10.65
C TYR B 32 4.86 8.28 -11.50
N ASN B 33 5.62 7.97 -12.54
CA ASN B 33 6.14 8.98 -13.45
C ASN B 33 4.99 9.76 -14.03
N HIS B 34 3.81 9.15 -14.08
CA HIS B 34 2.68 9.88 -14.61
C HIS B 34 2.24 11.06 -13.72
N ILE B 35 2.32 10.90 -12.40
CA ILE B 35 1.91 11.96 -11.49
C ILE B 35 3.02 13.00 -11.31
N LEU B 36 4.23 12.63 -11.71
CA LEU B 36 5.39 13.55 -11.59
C LEU B 36 5.20 14.74 -12.50
N LEU B 37 4.40 14.56 -13.55
CA LEU B 37 4.08 15.61 -14.48
C LEU B 37 3.04 16.55 -13.79
N LYS B 38 3.35 16.96 -12.54
CA LYS B 38 2.45 17.82 -11.75
C LYS B 38 3.12 19.10 -11.18
N LYS B 41 8.38 19.29 -6.89
CA LYS B 41 7.66 20.59 -6.69
C LYS B 41 8.57 21.60 -6.02
N ASN B 42 8.35 22.87 -6.31
CA ASN B 42 9.16 23.93 -5.74
C ASN B 42 8.49 24.62 -4.56
N PHE B 43 7.42 24.01 -4.04
CA PHE B 43 6.72 24.54 -2.88
C PHE B 43 6.81 23.57 -1.71
N ARG B 44 7.21 22.33 -2.02
CA ARG B 44 7.42 21.32 -1.00
C ARG B 44 8.91 21.41 -0.76
N LEU B 45 9.65 21.53 -1.87
CA LEU B 45 11.10 21.65 -1.80
C LEU B 45 11.47 23.00 -1.21
N ASN B 46 10.58 23.98 -1.35
CA ASN B 46 10.82 25.30 -0.81
C ASN B 46 10.85 25.28 0.72
N LEU B 47 9.81 24.72 1.33
CA LEU B 47 9.74 24.64 2.78
C LEU B 47 10.94 23.86 3.34
N ILE B 48 11.37 22.83 2.63
CA ILE B 48 12.52 22.02 3.05
C ILE B 48 13.80 22.85 3.03
N VAL B 49 13.92 23.70 2.02
CA VAL B 49 15.07 24.58 1.85
C VAL B 49 15.11 25.66 2.94
N GLN B 50 13.95 26.18 3.29
CA GLN B 50 13.89 27.20 4.32
C GLN B 50 14.19 26.55 5.67
N ILE B 51 13.52 25.44 5.97
CA ILE B 51 13.76 24.78 7.25
C ILE B 51 15.21 24.32 7.39
N ASN B 52 15.92 24.13 6.29
CA ASN B 52 17.32 23.70 6.44
C ASN B 52 18.15 24.86 6.94
N ARG B 53 17.61 26.08 6.82
CA ARG B 53 18.30 27.27 7.29
C ARG B 53 18.48 27.14 8.80
N VAL B 54 17.59 26.39 9.44
CA VAL B 54 17.65 26.13 10.88
C VAL B 54 18.30 24.78 11.20
N MET B 55 18.20 23.81 10.28
CA MET B 55 18.77 22.49 10.54
C MET B 55 20.19 22.34 10.01
N ASN B 56 20.51 23.08 8.95
CA ASN B 56 21.83 23.07 8.33
C ASN B 56 22.38 21.68 7.98
N LEU B 57 21.68 20.94 7.14
CA LEU B 57 22.16 19.62 6.78
C LEU B 57 23.08 19.75 5.58
N PRO B 58 24.03 18.83 5.44
CA PRO B 58 24.93 18.89 4.30
C PRO B 58 24.02 18.65 3.10
N LYS B 59 24.17 19.48 2.08
CA LYS B 59 23.35 19.41 0.89
C LYS B 59 22.91 18.08 0.32
N ASP B 60 23.84 17.14 0.17
CA ASP B 60 23.48 15.87 -0.41
C ASP B 60 22.54 15.09 0.49
N GLN B 61 22.70 15.28 1.80
CA GLN B 61 21.84 14.64 2.78
C GLN B 61 20.45 15.26 2.61
N LEU B 62 20.44 16.58 2.43
CA LEU B 62 19.21 17.34 2.24
C LEU B 62 18.48 16.88 0.97
N ALA B 63 19.24 16.47 -0.04
CA ALA B 63 18.66 16.00 -1.29
C ALA B 63 17.92 14.68 -1.06
N ILE B 64 18.51 13.80 -0.24
CA ILE B 64 17.93 12.51 0.08
C ILE B 64 16.64 12.69 0.85
N VAL B 65 16.68 13.49 1.92
CA VAL B 65 15.49 13.75 2.68
C VAL B 65 14.41 14.20 1.71
N SER B 66 14.83 15.08 0.80
CA SER B 66 13.99 15.65 -0.20
C SER B 66 13.38 14.58 -1.08
N GLN B 67 14.23 13.71 -1.60
CA GLN B 67 13.75 12.64 -2.48
C GLN B 67 12.76 11.76 -1.75
N ILE B 68 13.00 11.53 -0.47
CA ILE B 68 12.13 10.70 0.38
C ILE B 68 10.73 11.32 0.45
N VAL B 69 10.69 12.63 0.64
CA VAL B 69 9.45 13.34 0.74
C VAL B 69 8.68 13.35 -0.58
N GLU B 70 9.38 13.39 -1.72
CA GLU B 70 8.64 13.40 -2.98
C GLU B 70 8.00 12.04 -3.18
N LEU B 71 8.76 10.98 -2.88
CA LEU B 71 8.25 9.62 -3.02
C LEU B 71 7.01 9.36 -2.17
N LEU B 72 7.09 9.60 -0.87
CA LEU B 72 5.94 9.36 0.01
C LEU B 72 4.75 10.20 -0.42
N HIS B 73 4.99 11.48 -0.62
CA HIS B 73 3.95 12.38 -1.00
C HIS B 73 3.32 11.91 -2.29
N ASN B 74 4.09 11.87 -3.37
CA ASN B 74 3.51 11.44 -4.64
C ASN B 74 2.79 10.08 -4.61
N SER B 75 3.35 9.10 -3.89
CA SER B 75 2.71 7.78 -3.81
C SER B 75 1.43 7.82 -3.00
N SER B 76 1.37 8.73 -2.03
CA SER B 76 0.19 8.87 -1.19
C SER B 76 -0.94 9.44 -2.01
N LEU B 77 -0.60 10.29 -2.98
CA LEU B 77 -1.63 10.88 -3.84
C LEU B 77 -2.22 9.81 -4.76
N LEU B 78 -1.34 8.94 -5.28
CA LEU B 78 -1.80 7.86 -6.15
C LEU B 78 -2.88 7.05 -5.43
N ILE B 79 -2.60 6.71 -4.16
CA ILE B 79 -3.53 5.94 -3.34
C ILE B 79 -4.72 6.76 -2.84
N ASP B 80 -4.50 7.99 -2.40
CA ASP B 80 -5.63 8.79 -1.95
C ASP B 80 -6.61 8.92 -3.09
N ASP B 81 -6.12 9.14 -4.31
CA ASP B 81 -7.04 9.29 -5.45
C ASP B 81 -7.86 8.03 -5.72
N ILE B 82 -7.27 6.86 -5.54
CA ILE B 82 -8.00 5.61 -5.72
C ILE B 82 -9.02 5.58 -4.58
N GLU B 83 -8.54 5.82 -3.37
CA GLU B 83 -9.39 5.82 -2.20
C GLU B 83 -10.51 6.85 -2.22
N ASP B 84 -10.34 7.91 -2.98
CA ASP B 84 -11.38 8.93 -3.02
C ASP B 84 -12.07 8.93 -4.37
N ASN B 85 -11.75 7.95 -5.21
CA ASN B 85 -12.36 7.85 -6.52
C ASN B 85 -12.26 9.16 -7.31
N ALA B 86 -11.14 9.85 -7.16
CA ALA B 86 -10.91 11.11 -7.85
C ALA B 86 -10.55 10.92 -9.30
N PRO B 87 -11.27 11.61 -10.19
CA PRO B 87 -11.06 11.55 -11.65
C PRO B 87 -9.89 12.42 -12.10
N LEU B 88 -9.62 13.47 -11.35
CA LEU B 88 -8.55 14.40 -11.71
C LEU B 88 -7.64 14.73 -10.56
N ARG B 89 -6.35 14.84 -10.86
CA ARG B 89 -5.35 15.23 -9.89
C ARG B 89 -4.49 16.30 -10.53
N ARG B 90 -4.59 17.50 -9.98
CA ARG B 90 -3.87 18.64 -10.48
C ARG B 90 -4.02 18.80 -11.98
N GLY B 91 -5.27 18.84 -12.43
CA GLY B 91 -5.54 19.04 -13.84
C GLY B 91 -5.60 17.85 -14.76
N GLN B 92 -4.63 16.93 -14.70
CA GLN B 92 -4.63 15.77 -15.59
C GLN B 92 -5.41 14.58 -15.04
N THR B 93 -5.60 13.55 -15.87
CA THR B 93 -6.31 12.36 -15.44
C THR B 93 -5.47 11.51 -14.50
N THR B 94 -6.09 11.15 -13.38
CA THR B 94 -5.42 10.37 -12.35
C THR B 94 -4.86 9.09 -12.95
N SER B 95 -3.80 8.58 -12.34
CA SER B 95 -3.14 7.39 -12.84
C SER B 95 -3.96 6.11 -12.89
N HIS B 96 -4.81 5.91 -11.87
CA HIS B 96 -5.56 4.67 -11.85
C HIS B 96 -6.56 4.57 -12.98
N LEU B 97 -6.93 5.71 -13.56
CA LEU B 97 -7.85 5.66 -14.69
C LEU B 97 -7.10 5.43 -15.99
N ILE B 98 -5.79 5.61 -15.96
CA ILE B 98 -4.96 5.39 -17.13
C ILE B 98 -4.31 4.00 -17.02
N PHE B 99 -3.66 3.72 -15.88
CA PHE B 99 -2.96 2.43 -15.73
C PHE B 99 -3.74 1.37 -14.99
N GLY B 100 -4.86 1.75 -14.39
CA GLY B 100 -5.67 0.78 -13.67
C GLY B 100 -5.44 0.83 -12.18
N VAL B 101 -6.41 0.41 -11.40
CA VAL B 101 -6.26 0.41 -9.96
C VAL B 101 -5.13 -0.48 -9.48
N PRO B 102 -5.05 -1.73 -9.98
CA PRO B 102 -4.00 -2.69 -9.56
C PRO B 102 -2.56 -2.20 -9.64
N SER B 103 -2.10 -1.89 -10.84
CA SER B 103 -0.74 -1.39 -11.01
C SER B 103 -0.52 -0.14 -10.15
N THR B 104 -1.53 0.73 -10.09
CA THR B 104 -1.40 1.97 -9.34
C THR B 104 -1.17 1.72 -7.85
N ILE B 105 -1.96 0.83 -7.26
CA ILE B 105 -1.80 0.50 -5.85
C ILE B 105 -0.40 -0.05 -5.63
N ASN B 106 -0.01 -1.00 -6.46
CA ASN B 106 1.27 -1.67 -6.30
C ASN B 106 2.50 -0.81 -6.49
N THR B 107 2.41 0.07 -7.48
CA THR B 107 3.47 1.00 -7.78
C THR B 107 3.56 1.95 -6.60
N ALA B 108 2.43 2.46 -6.11
CA ALA B 108 2.53 3.37 -4.98
C ALA B 108 3.14 2.67 -3.75
N ASN B 109 2.72 1.44 -3.50
CA ASN B 109 3.29 0.75 -2.37
C ASN B 109 4.77 0.47 -2.62
N TYR B 110 5.14 0.17 -3.85
CA TYR B 110 6.52 -0.10 -4.16
C TYR B 110 7.33 1.13 -3.83
N MET B 111 6.79 2.31 -4.11
CA MET B 111 7.52 3.54 -3.79
C MET B 111 7.67 3.78 -2.31
N TYR B 112 6.71 3.32 -1.48
CA TYR B 112 6.77 3.46 -0.01
C TYR B 112 8.06 2.84 0.51
N PHE B 113 8.34 1.64 0.04
CA PHE B 113 9.55 0.94 0.45
C PHE B 113 10.80 1.47 -0.24
N ARG B 114 10.62 2.10 -1.38
CA ARG B 114 11.76 2.68 -2.07
C ARG B 114 12.18 3.83 -1.18
N ALA B 115 11.19 4.61 -0.74
CA ALA B 115 11.47 5.74 0.12
C ALA B 115 12.15 5.27 1.42
N MET B 116 11.75 4.10 1.90
CA MET B 116 12.31 3.54 3.12
C MET B 116 13.78 3.12 2.97
N GLN B 117 14.17 2.75 1.75
CA GLN B 117 15.55 2.34 1.49
C GLN B 117 16.44 3.58 1.47
N LEU B 118 15.88 4.69 0.98
CA LEU B 118 16.59 5.96 0.95
C LEU B 118 16.98 6.40 2.37
N VAL B 119 16.12 6.11 3.33
CA VAL B 119 16.36 6.46 4.72
C VAL B 119 17.66 5.87 5.27
N SER B 120 18.03 4.67 4.81
CA SER B 120 19.24 4.02 5.29
C SER B 120 20.47 4.45 4.53
N GLN B 121 20.40 5.61 3.89
CA GLN B 121 21.50 6.19 3.15
C GLN B 121 21.62 7.64 3.63
N LEU B 122 20.97 7.94 4.75
CA LEU B 122 21.03 9.29 5.32
C LEU B 122 22.17 9.26 6.32
N THR B 123 22.51 8.06 6.77
CA THR B 123 23.58 7.88 7.73
C THR B 123 23.81 6.40 7.94
N THR B 124 25.00 6.06 8.40
CA THR B 124 25.35 4.68 8.69
C THR B 124 25.62 4.56 10.18
N LYS B 125 25.53 5.69 10.88
CA LYS B 125 25.74 5.71 12.31
C LYS B 125 24.65 4.87 12.92
N GLU B 126 25.01 3.66 13.37
CA GLU B 126 24.05 2.71 13.94
C GLU B 126 23.01 3.30 14.91
N PRO B 127 23.45 4.12 15.87
CA PRO B 127 22.48 4.69 16.80
C PRO B 127 21.48 5.48 16.00
N LEU B 128 21.97 6.56 15.40
CA LEU B 128 21.17 7.49 14.62
C LEU B 128 20.22 6.86 13.59
N TYR B 129 20.70 5.84 12.89
CA TYR B 129 19.89 5.17 11.89
C TYR B 129 18.61 4.58 12.45
N HIS B 130 18.70 4.09 13.69
CA HIS B 130 17.56 3.49 14.35
C HIS B 130 16.50 4.56 14.63
N ASN B 131 16.95 5.75 14.99
CA ASN B 131 16.03 6.85 15.27
C ASN B 131 15.33 7.29 14.01
N LEU B 132 15.99 7.09 12.86
CA LEU B 132 15.43 7.47 11.57
C LEU B 132 14.42 6.43 11.11
N ILE B 133 14.68 5.16 11.41
CA ILE B 133 13.74 4.15 11.02
C ILE B 133 12.55 4.23 11.96
N THR B 134 12.78 4.47 13.24
CA THR B 134 11.65 4.61 14.15
C THR B 134 10.75 5.76 13.68
N ILE B 135 11.35 6.92 13.45
CA ILE B 135 10.62 8.08 13.00
C ILE B 135 9.80 7.77 11.75
N PHE B 136 10.46 7.14 10.78
CA PHE B 136 9.79 6.79 9.53
C PHE B 136 8.65 5.81 9.85
N ASN B 137 8.97 4.75 10.56
CA ASN B 137 7.95 3.78 10.88
C ASN B 137 6.82 4.44 11.66
N GLU B 138 7.16 5.19 12.70
CA GLU B 138 6.16 5.85 13.50
C GLU B 138 5.23 6.79 12.75
N GLU B 139 5.78 7.59 11.84
CA GLU B 139 4.93 8.53 11.11
C GLU B 139 4.11 7.89 10.02
N LEU B 140 4.53 6.73 9.53
CA LEU B 140 3.71 6.07 8.53
C LEU B 140 2.54 5.35 9.17
N ILE B 141 2.70 4.93 10.43
CA ILE B 141 1.62 4.29 11.16
C ILE B 141 0.57 5.38 11.46
N ASN B 142 1.03 6.57 11.84
CA ASN B 142 0.14 7.67 12.16
C ASN B 142 -0.61 8.15 10.97
N LEU B 143 0.12 8.31 9.85
CA LEU B 143 -0.51 8.78 8.62
C LEU B 143 -1.64 7.83 8.21
N HIS B 144 -1.39 6.53 8.35
CA HIS B 144 -2.40 5.53 8.01
C HIS B 144 -3.55 5.53 9.00
N ARG B 145 -3.29 5.83 10.26
CA ARG B 145 -4.37 5.90 11.24
C ARG B 145 -5.28 7.09 10.91
N GLY B 146 -4.68 8.22 10.57
CA GLY B 146 -5.48 9.38 10.24
C GLY B 146 -6.29 9.10 8.98
N GLN B 147 -5.60 8.66 7.94
CA GLN B 147 -6.23 8.32 6.68
C GLN B 147 -7.38 7.31 6.88
N GLY B 148 -7.15 6.27 7.68
CA GLY B 148 -8.17 5.26 7.92
C GLY B 148 -9.41 5.79 8.61
N LEU B 149 -9.24 6.74 9.51
CA LEU B 149 -10.35 7.32 10.24
C LEU B 149 -11.13 8.23 9.33
N ASP B 150 -10.44 8.92 8.41
CA ASP B 150 -11.10 9.81 7.46
C ASP B 150 -11.94 8.94 6.49
N ILE B 151 -11.37 7.84 6.02
CA ILE B 151 -12.08 6.96 5.11
C ILE B 151 -13.28 6.30 5.80
N TYR B 152 -13.06 5.84 7.03
CA TYR B 152 -14.11 5.22 7.80
C TYR B 152 -15.32 6.14 7.97
N TRP B 153 -15.06 7.35 8.46
CA TRP B 153 -16.15 8.29 8.65
C TRP B 153 -16.90 8.51 7.36
N ARG B 154 -16.17 8.62 6.26
CA ARG B 154 -16.84 8.87 4.99
C ARG B 154 -17.62 7.68 4.46
N ASP B 155 -17.06 6.48 4.59
CA ASP B 155 -17.73 5.30 4.03
C ASP B 155 -18.77 4.69 4.95
N PHE B 156 -18.79 5.13 6.20
CA PHE B 156 -19.76 4.62 7.15
C PHE B 156 -20.83 5.66 7.47
N LEU B 157 -20.69 6.85 6.88
CA LEU B 157 -21.68 7.93 7.10
C LEU B 157 -23.06 7.35 6.74
N PRO B 158 -24.11 7.68 7.51
CA PRO B 158 -24.10 8.55 8.70
C PRO B 158 -23.94 7.87 10.07
N GLU B 159 -23.25 6.74 10.14
CA GLU B 159 -23.07 6.07 11.44
C GLU B 159 -22.38 6.96 12.50
N ILE B 160 -21.28 7.59 12.11
CA ILE B 160 -20.56 8.44 13.04
C ILE B 160 -20.40 9.82 12.45
N ILE B 161 -20.90 10.82 13.15
CA ILE B 161 -20.71 12.18 12.65
C ILE B 161 -19.64 12.77 13.55
N PRO B 162 -18.42 12.88 13.01
CA PRO B 162 -17.32 13.43 13.81
C PRO B 162 -17.55 14.87 14.29
N THR B 163 -16.94 15.17 15.43
CA THR B 163 -16.99 16.48 16.05
C THR B 163 -15.78 17.21 15.53
N GLN B 164 -15.67 18.49 15.87
CA GLN B 164 -14.54 19.32 15.47
C GLN B 164 -13.24 18.72 16.04
N GLU B 165 -13.26 18.46 17.34
CA GLU B 165 -12.13 17.85 18.03
C GLU B 165 -11.72 16.59 17.29
N MET B 166 -12.69 15.71 17.06
CA MET B 166 -12.39 14.47 16.37
C MET B 166 -11.70 14.76 15.03
N TYR B 167 -12.28 15.64 14.21
CA TYR B 167 -11.70 15.98 12.92
C TYR B 167 -10.25 16.48 13.09
N LEU B 168 -9.98 17.26 14.13
CA LEU B 168 -8.61 17.76 14.33
C LEU B 168 -7.65 16.65 14.76
N ASN B 169 -8.06 15.72 15.61
CA ASN B 169 -7.13 14.65 15.95
C ASN B 169 -6.85 13.81 14.73
N MET B 170 -7.86 13.64 13.89
CA MET B 170 -7.69 12.88 12.66
C MET B 170 -6.69 13.61 11.75
N VAL B 171 -6.77 14.94 11.74
CA VAL B 171 -5.87 15.76 10.93
C VAL B 171 -4.40 15.70 11.44
N MET B 172 -4.21 15.72 12.75
CA MET B 172 -2.88 15.63 13.35
C MET B 172 -2.17 14.44 12.71
N ASN B 173 -2.87 13.30 12.72
CA ASN B 173 -2.39 12.05 12.14
C ASN B 173 -2.24 12.08 10.61
N LYS B 174 -3.35 12.23 9.89
CA LYS B 174 -3.30 12.23 8.44
C LYS B 174 -2.23 13.15 7.87
N THR B 175 -2.61 14.40 7.59
CA THR B 175 -1.74 15.43 7.02
C THR B 175 -0.46 15.79 7.80
N GLY B 176 -0.56 15.76 9.14
CA GLY B 176 0.57 16.11 9.98
C GLY B 176 1.69 15.09 9.96
N GLY B 177 1.36 13.85 9.60
CA GLY B 177 2.34 12.79 9.53
C GLY B 177 3.55 13.03 8.62
N LEU B 178 3.30 13.42 7.36
CA LEU B 178 4.38 13.67 6.41
C LEU B 178 5.17 14.92 6.84
N PHE B 179 4.46 15.92 7.36
CA PHE B 179 5.08 17.15 7.85
C PHE B 179 6.03 16.78 9.00
N ARG B 180 5.50 16.13 10.03
CA ARG B 180 6.31 15.71 11.15
C ARG B 180 7.44 14.78 10.72
N LEU B 181 7.14 13.82 9.85
CA LEU B 181 8.16 12.90 9.37
C LEU B 181 9.35 13.67 8.84
N THR B 182 9.11 14.57 7.90
CA THR B 182 10.18 15.40 7.31
C THR B 182 10.92 16.15 8.42
N LEU B 183 10.16 16.89 9.20
CA LEU B 183 10.75 17.66 10.27
C LEU B 183 11.60 16.80 11.19
N ARG B 184 11.02 15.74 11.75
CA ARG B 184 11.77 14.89 12.67
C ARG B 184 13.06 14.33 12.08
N LEU B 185 13.04 13.91 10.81
CA LEU B 185 14.26 13.38 10.21
C LEU B 185 15.28 14.48 10.11
N MET B 186 14.84 15.63 9.63
CA MET B 186 15.75 16.77 9.50
C MET B 186 16.37 17.12 10.85
N GLU B 187 15.52 17.18 11.88
CA GLU B 187 16.00 17.53 13.21
C GLU B 187 16.97 16.50 13.76
N ALA B 188 16.72 15.23 13.52
CA ALA B 188 17.61 14.20 14.01
C ALA B 188 18.94 14.23 13.26
N LEU B 189 18.91 14.73 12.04
CA LEU B 189 20.13 14.79 11.26
C LEU B 189 20.91 16.05 11.51
N SER B 190 20.23 17.09 11.97
CA SER B 190 20.87 18.38 12.20
C SER B 190 22.21 18.37 12.94
N PRO B 191 23.23 19.00 12.34
CA PRO B 191 24.56 19.08 12.95
C PRO B 191 24.54 20.13 14.06
N SER B 192 23.70 21.15 13.87
CA SER B 192 23.55 22.23 14.84
C SER B 192 23.02 21.68 16.16
N HIS B 195 19.56 23.48 17.86
CA HIS B 195 18.85 24.35 16.87
C HIS B 195 17.68 25.06 17.53
N GLY B 196 17.73 25.14 18.87
CA GLY B 196 16.68 25.79 19.63
C GLY B 196 15.60 24.79 20.04
N HIS B 197 14.37 25.29 20.22
CA HIS B 197 13.25 24.43 20.58
C HIS B 197 12.84 23.60 19.35
N SER B 198 12.16 22.47 19.59
CA SER B 198 11.71 21.63 18.50
C SER B 198 10.67 22.42 17.68
N LEU B 199 10.60 22.16 16.39
CA LEU B 199 9.63 22.86 15.56
C LEU B 199 8.42 21.98 15.23
N VAL B 200 8.33 20.80 15.84
CA VAL B 200 7.21 19.93 15.55
C VAL B 200 5.85 20.58 15.79
N PRO B 201 5.68 21.26 16.93
CA PRO B 201 4.40 21.92 17.24
C PRO B 201 4.03 22.87 16.11
N PHE B 202 5.02 23.62 15.64
CA PHE B 202 4.78 24.54 14.55
C PHE B 202 4.43 23.79 13.26
N ILE B 203 5.08 22.66 13.03
CA ILE B 203 4.80 21.90 11.82
C ILE B 203 3.43 21.22 11.96
N ASN B 204 3.03 20.87 13.18
CA ASN B 204 1.73 20.25 13.39
C ASN B 204 0.69 21.31 13.05
N LEU B 205 0.79 22.46 13.70
CA LEU B 205 -0.15 23.56 13.44
C LEU B 205 -0.18 23.88 11.94
N LEU B 206 0.97 23.76 11.30
CA LEU B 206 1.07 24.04 9.87
C LEU B 206 0.26 23.00 9.09
N GLY B 207 0.30 21.75 9.57
CA GLY B 207 -0.43 20.70 8.89
C GLY B 207 -1.94 20.85 9.02
N ILE B 208 -2.37 21.36 10.16
CA ILE B 208 -3.79 21.55 10.37
C ILE B 208 -4.29 22.68 9.49
N ILE B 209 -3.52 23.75 9.41
CA ILE B 209 -3.91 24.86 8.59
C ILE B 209 -4.03 24.38 7.15
N TYR B 210 -3.01 23.67 6.68
CA TYR B 210 -3.02 23.18 5.32
C TYR B 210 -4.26 22.35 4.97
N GLN B 211 -4.63 21.40 5.82
CA GLN B 211 -5.77 20.54 5.54
C GLN B 211 -7.11 21.28 5.50
N ILE B 212 -7.31 22.13 6.52
CA ILE B 212 -8.54 22.91 6.61
C ILE B 212 -8.60 23.89 5.44
N ARG B 213 -7.45 24.45 5.07
CA ARG B 213 -7.36 25.37 3.96
C ARG B 213 -7.77 24.59 2.70
N ASP B 214 -7.30 23.34 2.61
CA ASP B 214 -7.60 22.47 1.48
C ASP B 214 -9.11 22.23 1.43
N ASP B 215 -9.69 21.91 2.58
CA ASP B 215 -11.13 21.66 2.66
C ASP B 215 -11.93 22.90 2.27
N TYR B 216 -11.52 24.06 2.77
CA TYR B 216 -12.20 25.31 2.48
C TYR B 216 -12.16 25.63 0.98
N LEU B 217 -10.95 25.72 0.44
CA LEU B 217 -10.75 26.08 -0.97
C LEU B 217 -11.47 25.19 -1.96
N ASN B 218 -11.68 23.93 -1.59
CA ASN B 218 -12.38 22.98 -2.46
C ASN B 218 -13.85 23.32 -2.65
N LEU B 219 -14.45 23.99 -1.67
CA LEU B 219 -15.87 24.37 -1.79
C LEU B 219 -15.98 25.77 -2.38
N LYS B 220 -15.04 26.63 -1.96
CA LYS B 220 -14.97 28.03 -2.36
C LYS B 220 -14.51 28.29 -3.78
N ASP B 221 -13.67 27.43 -4.36
CA ASP B 221 -13.20 27.60 -5.74
C ASP B 221 -14.30 27.21 -6.73
N PHE B 222 -15.27 26.44 -6.23
CA PHE B 222 -16.41 25.99 -7.02
C PHE B 222 -17.45 27.10 -7.04
N GLN B 223 -17.72 27.63 -5.85
CA GLN B 223 -18.67 28.71 -5.63
C GLN B 223 -18.24 29.97 -6.37
N MET B 224 -16.94 30.12 -6.55
CA MET B 224 -16.36 31.27 -7.25
C MET B 224 -16.11 30.93 -8.73
N GLY B 229 -12.12 24.60 -9.64
CA GLY B 229 -12.59 23.72 -8.52
C GLY B 229 -13.98 23.16 -8.73
N PHE B 230 -14.07 21.83 -8.90
CA PHE B 230 -15.34 21.14 -9.12
C PHE B 230 -16.07 20.78 -7.80
N ALA B 231 -15.47 21.11 -6.65
CA ALA B 231 -16.01 20.75 -5.33
C ALA B 231 -16.13 19.25 -5.30
N GLU B 232 -15.02 18.57 -5.60
CA GLU B 232 -15.01 17.11 -5.63
C GLU B 232 -15.28 16.52 -4.25
N ASP B 233 -14.83 17.21 -3.21
CA ASP B 233 -15.05 16.74 -1.85
C ASP B 233 -16.52 16.42 -1.55
N ILE B 234 -17.45 17.03 -2.28
CA ILE B 234 -18.88 16.76 -2.06
C ILE B 234 -19.22 15.42 -2.72
N THR B 235 -18.69 15.22 -3.92
CA THR B 235 -18.91 14.00 -4.69
C THR B 235 -18.38 12.82 -3.90
N GLU B 236 -17.26 13.02 -3.24
CA GLU B 236 -16.60 11.99 -2.45
C GLU B 236 -17.33 11.70 -1.12
N GLY B 237 -18.12 12.65 -0.61
CA GLY B 237 -18.84 12.45 0.63
C GLY B 237 -17.96 12.58 1.86
N LYS B 238 -16.84 13.25 1.66
CA LYS B 238 -15.81 13.50 2.67
C LYS B 238 -16.26 14.38 3.86
N LEU B 239 -15.91 13.96 5.07
CA LEU B 239 -16.26 14.72 6.28
C LEU B 239 -15.31 15.91 6.49
N SER B 240 -15.31 16.87 5.57
CA SER B 240 -14.42 18.03 5.64
C SER B 240 -14.75 18.95 6.81
N PHE B 241 -13.87 19.93 7.05
CA PHE B 241 -14.08 20.88 8.12
C PHE B 241 -15.42 21.66 8.00
N PRO B 242 -15.72 22.26 6.83
CA PRO B 242 -16.98 23.00 6.74
C PRO B 242 -18.18 22.07 6.98
N ILE B 243 -18.09 20.87 6.44
CA ILE B 243 -19.16 19.91 6.60
C ILE B 243 -19.31 19.43 8.06
N VAL B 244 -18.19 19.25 8.76
CA VAL B 244 -18.26 18.79 10.12
C VAL B 244 -18.92 19.88 10.93
N HIS B 245 -18.72 21.11 10.48
CA HIS B 245 -19.32 22.23 11.18
C HIS B 245 -20.79 22.31 10.87
N ALA B 246 -21.16 22.14 9.61
CA ALA B 246 -22.57 22.23 9.24
C ALA B 246 -23.41 21.15 9.95
N LEU B 247 -22.88 19.94 10.03
CA LEU B 247 -23.56 18.83 10.65
C LEU B 247 -23.71 18.95 12.17
N ASN B 248 -22.72 19.49 12.85
CA ASN B 248 -22.86 19.64 14.29
C ASN B 248 -23.73 20.86 14.64
N PHE B 249 -23.52 21.95 13.92
CA PHE B 249 -24.27 23.17 14.13
C PHE B 249 -25.76 22.88 13.98
N THR B 250 -26.14 22.33 12.83
CA THR B 250 -27.53 21.99 12.58
C THR B 250 -28.08 21.02 13.61
N LYS B 251 -27.25 20.07 14.04
CA LYS B 251 -27.71 19.08 15.03
C LYS B 251 -28.02 19.82 16.34
N THR B 252 -27.08 20.65 16.77
CA THR B 252 -27.19 21.45 17.98
C THR B 252 -28.39 22.38 17.98
N LYS B 253 -28.72 22.94 16.82
CA LYS B 253 -29.85 23.84 16.72
C LYS B 253 -31.16 23.08 16.51
N GLY B 254 -31.09 21.75 16.55
CA GLY B 254 -32.28 20.95 16.33
C GLY B 254 -32.85 21.20 14.95
N GLN B 255 -32.00 21.64 14.04
CA GLN B 255 -32.37 21.93 12.65
C GLN B 255 -32.44 20.63 11.85
N THR B 256 -33.25 19.73 12.35
CA THR B 256 -33.50 18.43 11.78
C THR B 256 -33.46 18.26 10.27
N GLU B 257 -34.31 19.00 9.57
CA GLU B 257 -34.39 18.89 8.11
C GLU B 257 -33.17 19.35 7.32
N GLN B 258 -32.38 20.25 7.88
CA GLN B 258 -31.19 20.72 7.18
C GLN B 258 -30.03 19.73 7.42
N HIS B 259 -30.02 19.18 8.63
CA HIS B 259 -29.03 18.23 9.01
C HIS B 259 -29.18 17.04 8.05
N ASN B 260 -30.42 16.60 7.83
CA ASN B 260 -30.67 15.48 6.93
C ASN B 260 -30.43 15.78 5.46
N GLU B 261 -30.71 17.01 5.04
CA GLU B 261 -30.51 17.38 3.65
C GLU B 261 -29.02 17.40 3.37
N ILE B 262 -28.22 17.77 4.37
CA ILE B 262 -26.77 17.78 4.20
C ILE B 262 -26.32 16.36 3.99
N LEU B 263 -26.82 15.47 4.84
CA LEU B 263 -26.47 14.05 4.77
C LEU B 263 -26.92 13.39 3.48
N ARG B 264 -28.14 13.70 3.01
CA ARG B 264 -28.63 13.11 1.76
C ARG B 264 -27.73 13.47 0.57
N ILE B 265 -27.30 14.72 0.52
CA ILE B 265 -26.46 15.15 -0.57
C ILE B 265 -25.08 14.46 -0.57
N LEU B 266 -24.43 14.36 0.60
CA LEU B 266 -23.13 13.70 0.70
C LEU B 266 -23.25 12.23 0.34
N LEU B 267 -24.35 11.61 0.71
CA LEU B 267 -24.58 10.21 0.42
C LEU B 267 -24.94 9.98 -1.03
N LEU B 268 -25.26 11.05 -1.77
CA LEU B 268 -25.58 10.87 -3.17
C LEU B 268 -24.31 10.58 -4.00
N ARG B 269 -23.14 10.93 -3.47
CA ARG B 269 -21.88 10.78 -4.21
C ARG B 269 -22.14 11.36 -5.60
N THR B 270 -22.68 12.57 -5.65
CA THR B 270 -23.05 13.18 -6.91
C THR B 270 -22.03 14.10 -7.60
N SER B 271 -22.18 14.16 -8.91
CA SER B 271 -21.38 15.00 -9.79
C SER B 271 -22.22 16.16 -10.34
N ASP B 272 -23.51 16.17 -9.99
CA ASP B 272 -24.45 17.20 -10.43
C ASP B 272 -24.13 18.56 -9.77
N LYS B 273 -23.71 19.54 -10.59
CA LYS B 273 -23.33 20.84 -10.05
C LYS B 273 -24.47 21.57 -9.33
N ASP B 274 -25.69 21.31 -9.78
CA ASP B 274 -26.86 21.94 -9.19
C ASP B 274 -27.01 21.46 -7.77
N ILE B 275 -26.78 20.18 -7.56
CA ILE B 275 -26.90 19.59 -6.24
C ILE B 275 -25.73 19.98 -5.36
N LYS B 276 -24.52 20.00 -5.89
CA LYS B 276 -23.36 20.40 -5.11
C LYS B 276 -23.60 21.83 -4.65
N LEU B 277 -24.16 22.64 -5.55
CA LEU B 277 -24.47 24.02 -5.22
C LEU B 277 -25.52 24.14 -4.13
N LYS B 278 -26.57 23.32 -4.20
CA LYS B 278 -27.59 23.34 -3.17
C LYS B 278 -26.97 23.13 -1.79
N LEU B 279 -25.86 22.38 -1.73
CA LEU B 279 -25.22 22.13 -0.44
C LEU B 279 -24.38 23.32 -0.02
N ILE B 280 -23.61 23.85 -0.95
CA ILE B 280 -22.81 25.01 -0.63
C ILE B 280 -23.74 26.08 -0.09
N GLN B 281 -24.92 26.25 -0.69
CA GLN B 281 -25.81 27.28 -0.17
C GLN B 281 -26.30 26.98 1.26
N ILE B 282 -26.54 25.71 1.58
CA ILE B 282 -26.95 25.42 2.93
C ILE B 282 -25.81 25.91 3.83
N LEU B 283 -24.57 25.76 3.34
CA LEU B 283 -23.42 26.16 4.14
C LEU B 283 -23.25 27.66 4.30
N GLU B 284 -23.68 28.43 3.32
CA GLU B 284 -23.57 29.89 3.37
C GLU B 284 -24.70 30.52 4.18
N PHE B 285 -25.92 30.26 3.74
CA PHE B 285 -27.13 30.85 4.32
C PHE B 285 -27.65 30.23 5.61
N ASP B 286 -27.57 28.92 5.74
CA ASP B 286 -28.09 28.29 6.94
C ASP B 286 -27.13 28.22 8.10
N THR B 287 -25.99 27.56 7.88
CA THR B 287 -24.99 27.37 8.94
C THR B 287 -23.81 28.33 8.96
N ASN B 288 -23.52 28.95 7.82
CA ASN B 288 -22.41 29.88 7.78
C ASN B 288 -21.11 29.11 8.04
N SER B 289 -21.06 27.87 7.62
CA SER B 289 -19.87 27.05 7.82
C SER B 289 -18.64 27.54 7.06
N LEU B 290 -18.84 28.12 5.88
CA LEU B 290 -17.72 28.62 5.11
C LEU B 290 -17.08 29.82 5.81
N ALA B 291 -17.93 30.74 6.29
CA ALA B 291 -17.44 31.91 7.02
C ALA B 291 -16.75 31.43 8.28
N TYR B 292 -17.35 30.45 8.95
CA TYR B 292 -16.79 29.88 10.17
C TYR B 292 -15.44 29.23 9.93
N THR B 293 -15.32 28.45 8.85
CA THR B 293 -14.05 27.81 8.54
C THR B 293 -12.99 28.88 8.26
N LYS B 294 -13.41 29.95 7.61
CA LYS B 294 -12.51 31.06 7.28
C LYS B 294 -11.97 31.68 8.56
N ASN B 295 -12.84 31.89 9.52
CA ASN B 295 -12.44 32.47 10.78
C ASN B 295 -11.53 31.52 11.54
N PHE B 296 -11.68 30.24 11.31
CA PHE B 296 -10.87 29.28 12.02
C PHE B 296 -9.43 29.32 11.51
N ILE B 297 -9.27 29.32 10.19
CA ILE B 297 -7.93 29.37 9.60
C ILE B 297 -7.20 30.62 10.10
N ASN B 298 -7.92 31.75 10.11
CA ASN B 298 -7.37 33.02 10.55
C ASN B 298 -6.92 32.96 11.99
N GLN B 299 -7.73 32.38 12.86
CA GLN B 299 -7.30 32.27 14.24
C GLN B 299 -6.04 31.39 14.31
N LEU B 300 -5.98 30.32 13.50
CA LEU B 300 -4.83 29.43 13.52
C LEU B 300 -3.58 30.12 13.03
N VAL B 301 -3.71 30.88 11.95
CA VAL B 301 -2.56 31.63 11.42
C VAL B 301 -2.14 32.72 12.41
N ASN B 302 -3.08 33.34 13.11
CA ASN B 302 -2.72 34.38 14.06
C ASN B 302 -1.87 33.89 15.22
N MET B 303 -1.96 32.60 15.52
CA MET B 303 -1.14 32.05 16.60
C MET B 303 0.30 32.08 16.13
N ILE B 304 0.48 32.16 14.81
CA ILE B 304 1.80 32.19 14.21
C ILE B 304 2.24 33.64 14.01
N LYS B 305 1.42 34.43 13.33
CA LYS B 305 1.74 35.84 13.07
C LYS B 305 1.87 36.67 14.35
N ASN B 306 1.32 36.18 15.46
CA ASN B 306 1.40 36.89 16.74
C ASN B 306 2.16 36.08 17.79
N ASP B 307 3.19 35.37 17.34
CA ASP B 307 4.04 34.56 18.20
C ASP B 307 5.33 35.34 18.48
N ASN B 308 5.19 36.52 19.07
CA ASN B 308 6.34 37.35 19.36
C ASN B 308 7.29 36.67 20.35
N GLU B 309 6.73 35.78 21.17
CA GLU B 309 7.50 35.04 22.14
C GLU B 309 8.44 34.06 21.44
N ASN B 310 8.11 33.74 20.19
CA ASN B 310 8.87 32.76 19.42
C ASN B 310 8.73 31.42 20.12
N LYS B 311 7.48 31.08 20.43
CA LYS B 311 7.18 29.81 21.08
C LYS B 311 7.13 28.71 20.02
N TYR B 312 6.40 28.97 18.92
CA TYR B 312 6.27 28.00 17.84
C TYR B 312 7.32 28.26 16.76
N LEU B 313 7.45 29.52 16.36
CA LEU B 313 8.41 29.95 15.35
C LEU B 313 9.82 29.73 15.87
N PRO B 314 10.80 29.65 14.97
CA PRO B 314 12.17 29.42 15.44
C PRO B 314 12.76 30.69 16.08
#